data_5K66
#
_entry.id   5K66
#
_cell.length_a   134.602
_cell.length_b   134.602
_cell.length_c   119.144
_cell.angle_alpha   90.00
_cell.angle_beta   90.00
_cell.angle_gamma   90.00
#
_symmetry.space_group_name_H-M   'I 41 2 2'
#
loop_
_entity.id
_entity.type
_entity.pdbx_description
1 polymer Nta1p
2 non-polymer ASPARAGINE
3 non-polymer 'GLUTAMIC ACID'
4 water water
#
_entity_poly.entity_id   1
_entity_poly.type   'polypeptide(L)'
_entity_poly.pdbx_seq_one_letter_code
;GSMLIDAIHGAKMSTKLLVSLKVLVIQLNPQIGQVDQTIKRTWSILDKVTKSATYVKPDIILFPEFALTGYSFHARKDIL
PYVTKKDEGPSFELAKSISEKFQCYTIIGYPEEDDEQKLYNSALVVNPQGGQIFNYRKTFLYDTEMNWDCEENPEGFQTF
PMDFSKCAKLSNEDSYNRDVTLKASIGISMDLSPYKFMAPFNHFEFSSFCVDNNVELILCPMAWLNSTSITDKQTLHNNS
LLEAAKNKIAFALKEQGLPLAGSQGIYQLKIGDSQRTPRVPSDDSTSEYKDMDEPDMSNVNYWILRFFPFLYFKLRINWF
KNSSLIESILGKTRMPLDHEYYKDGKHKEDTIDLLDSEEVIKDTVLEKTFLGTSLGQPWKFQGKNAILVLANRCGTEDGT
TIFAGSSGIYKFNGKKPKGSQDDDESSLDSLNESVELLGNLGKGLEGAILREVQFEVFR
;
_entity_poly.pdbx_strand_id   A
#
# COMPACT_ATOMS: atom_id res chain seq x y z
N THR A 15 -22.51 13.84 -11.96
CA THR A 15 -23.47 13.00 -11.23
C THR A 15 -22.81 12.30 -10.06
N LYS A 16 -23.26 12.59 -8.84
CA LYS A 16 -22.73 11.95 -7.66
C LYS A 16 -23.19 10.50 -7.56
N LEU A 17 -22.25 9.60 -7.34
CA LEU A 17 -22.57 8.18 -7.17
C LEU A 17 -22.03 7.69 -5.84
N LEU A 18 -22.91 7.14 -5.00
CA LEU A 18 -22.50 6.59 -3.72
C LEU A 18 -22.04 5.14 -3.85
N VAL A 19 -20.94 4.80 -3.18
CA VAL A 19 -20.37 3.46 -3.26
C VAL A 19 -20.22 2.85 -1.88
N SER A 20 -20.40 1.54 -1.80
CA SER A 20 -20.20 0.80 -0.56
C SER A 20 -19.41 -0.45 -0.92
N LEU A 21 -18.19 -0.51 -0.40
CA LEU A 21 -17.25 -1.58 -0.69
C LEU A 21 -16.97 -2.35 0.58
N LYS A 22 -17.03 -3.67 0.52
CA LYS A 22 -16.62 -4.47 1.65
C LYS A 22 -15.17 -4.89 1.40
N VAL A 23 -14.27 -4.37 2.21
CA VAL A 23 -12.83 -4.55 2.00
C VAL A 23 -12.23 -5.47 3.05
N LEU A 24 -11.57 -6.55 2.61
CA LEU A 24 -10.89 -7.44 3.52
C LEU A 24 -9.38 -7.40 3.30
N VAL A 25 -8.62 -7.17 4.38
CA VAL A 25 -7.17 -7.17 4.34
C VAL A 25 -6.62 -8.34 5.15
N ILE A 26 -5.72 -9.12 4.55
CA ILE A 26 -5.08 -10.25 5.21
C ILE A 26 -3.64 -9.90 5.57
N GLN A 27 -3.29 -10.05 6.84
CA GLN A 27 -1.96 -9.75 7.32
C GLN A 27 -1.23 -11.03 7.72
N LEU A 28 -0.10 -11.28 7.05
CA LEU A 28 0.64 -12.54 7.20
C LEU A 28 2.11 -12.33 7.63
N ASN A 29 2.67 -13.36 8.24
CA ASN A 29 4.09 -13.41 8.57
C ASN A 29 4.73 -14.57 7.82
N PRO A 30 4.92 -14.40 6.51
CA PRO A 30 5.52 -15.44 5.66
C PRO A 30 7.02 -15.55 5.89
N GLN A 31 7.54 -16.76 5.98
CA GLN A 31 8.97 -16.94 6.09
C GLN A 31 9.48 -17.73 4.88
N ILE A 32 10.71 -17.46 4.47
CA ILE A 32 11.25 -18.06 3.26
C ILE A 32 11.28 -19.59 3.40
N GLY A 33 10.79 -20.27 2.37
CA GLY A 33 10.75 -21.71 2.37
C GLY A 33 9.53 -22.32 3.06
N GLN A 34 8.55 -21.49 3.39
CA GLN A 34 7.34 -21.98 4.06
C GLN A 34 6.07 -21.75 3.25
N VAL A 35 6.19 -21.69 1.92
CA VAL A 35 5.05 -21.33 1.08
C VAL A 35 3.80 -22.19 1.36
N ASP A 36 3.98 -23.52 1.44
CA ASP A 36 2.84 -24.40 1.68
C ASP A 36 2.20 -24.17 3.04
N GLN A 37 3.02 -23.91 4.05
CA GLN A 37 2.53 -23.65 5.39
C GLN A 37 1.76 -22.33 5.44
N THR A 38 2.28 -21.32 4.74
CA THR A 38 1.64 -20.01 4.70
C THR A 38 0.28 -20.10 4.00
N ILE A 39 0.22 -20.88 2.93
CA ILE A 39 -1.04 -21.12 2.24
C ILE A 39 -2.05 -21.79 3.17
N LYS A 40 -1.60 -22.76 3.96
CA LYS A 40 -2.47 -23.43 4.90
C LYS A 40 -3.01 -22.45 5.95
N ARG A 41 -2.13 -21.59 6.47
CA ARG A 41 -2.55 -20.61 7.45
C ARG A 41 -3.53 -19.60 6.83
N THR A 42 -3.34 -19.29 5.55
CA THR A 42 -4.23 -18.36 4.86
C THR A 42 -5.64 -18.92 4.77
N TRP A 43 -5.75 -20.22 4.46
CA TRP A 43 -7.06 -20.84 4.35
C TRP A 43 -7.71 -20.93 5.71
N SER A 44 -6.91 -21.16 6.74
CA SER A 44 -7.40 -21.14 8.11
C SER A 44 -7.94 -19.76 8.54
N ILE A 45 -7.21 -18.69 8.21
CA ILE A 45 -7.68 -17.35 8.50
C ILE A 45 -9.01 -17.05 7.80
N LEU A 46 -9.08 -17.38 6.52
CA LEU A 46 -10.27 -17.15 5.72
C LEU A 46 -11.47 -17.96 6.22
N ASP A 47 -11.20 -19.15 6.74
CA ASP A 47 -12.26 -19.94 7.35
C ASP A 47 -12.79 -19.23 8.58
N LYS A 48 -11.89 -18.80 9.46
CA LYS A 48 -12.27 -18.10 10.68
C LYS A 48 -13.05 -16.83 10.37
N VAL A 49 -12.65 -16.15 9.29
CA VAL A 49 -13.33 -14.91 8.87
C VAL A 49 -14.81 -15.16 8.54
N THR A 50 -15.09 -16.21 7.76
CA THR A 50 -16.47 -16.52 7.37
C THR A 50 -17.33 -16.92 8.55
N LYS A 51 -16.69 -17.36 9.63
CA LYS A 51 -17.42 -17.78 10.82
C LYS A 51 -17.60 -16.64 11.81
N SER A 52 -17.11 -15.46 11.46
CA SER A 52 -17.26 -14.32 12.35
C SER A 52 -18.73 -13.92 12.50
N ALA A 53 -19.08 -13.41 13.68
CA ALA A 53 -20.43 -12.97 13.98
C ALA A 53 -20.93 -11.92 12.98
N THR A 54 -20.05 -11.00 12.59
CA THR A 54 -20.47 -9.92 11.71
C THR A 54 -19.78 -10.00 10.34
N TYR A 55 -19.46 -11.22 9.92
CA TYR A 55 -18.96 -11.45 8.59
C TYR A 55 -19.95 -11.00 7.51
N VAL A 56 -19.43 -10.34 6.50
CA VAL A 56 -20.13 -10.07 5.25
C VAL A 56 -19.15 -10.39 4.13
N LYS A 57 -19.67 -10.72 2.94
CA LYS A 57 -18.78 -11.11 1.85
C LYS A 57 -17.97 -9.92 1.34
N PRO A 58 -16.64 -10.08 1.23
CA PRO A 58 -15.88 -8.95 0.71
C PRO A 58 -15.99 -8.78 -0.79
N ASP A 59 -15.90 -7.53 -1.23
CA ASP A 59 -15.79 -7.20 -2.65
C ASP A 59 -14.34 -7.28 -3.12
N ILE A 60 -13.42 -7.10 -2.18
CA ILE A 60 -12.00 -7.07 -2.53
C ILE A 60 -11.18 -7.62 -1.37
N ILE A 61 -10.17 -8.42 -1.69
CA ILE A 61 -9.32 -8.98 -0.67
C ILE A 61 -7.88 -8.63 -1.04
N LEU A 62 -7.13 -8.06 -0.10
CA LEU A 62 -5.77 -7.58 -0.37
C LEU A 62 -4.76 -8.26 0.57
N PHE A 63 -3.67 -8.79 -0.03
CA PHE A 63 -2.60 -9.42 0.71
C PHE A 63 -1.35 -8.49 0.69
N PRO A 64 -0.35 -8.78 1.55
CA PRO A 64 0.89 -7.98 1.53
C PRO A 64 1.82 -8.24 0.34
N GLU A 65 2.88 -7.43 0.28
CA GLU A 65 4.02 -7.63 -0.61
C GLU A 65 4.66 -8.98 -0.34
N PHE A 66 5.00 -9.74 -1.39
CA PHE A 66 5.54 -11.10 -1.26
C PHE A 66 4.84 -11.93 -0.17
N ALA A 67 3.51 -12.01 -0.26
CA ALA A 67 2.68 -12.55 0.83
C ALA A 67 2.95 -14.00 1.20
N LEU A 68 3.30 -14.84 0.23
CA LEU A 68 3.47 -16.26 0.53
C LEU A 68 4.93 -16.70 0.62
N THR A 69 5.84 -15.84 0.19
CA THR A 69 7.22 -16.28 -0.03
C THR A 69 8.24 -15.81 1.03
N GLY A 70 7.90 -14.76 1.79
CA GLY A 70 8.89 -14.12 2.64
C GLY A 70 9.50 -13.00 1.80
N TYR A 71 10.33 -12.16 2.41
CA TYR A 71 10.75 -10.93 1.74
C TYR A 71 12.26 -10.77 1.55
N SER A 72 13.04 -11.11 2.59
CA SER A 72 14.46 -10.75 2.60
C SER A 72 15.35 -11.73 1.85
N PHE A 73 15.23 -11.77 0.53
CA PHE A 73 16.10 -12.61 -0.30
C PHE A 73 17.43 -11.90 -0.55
N HIS A 74 18.53 -12.64 -0.44
CA HIS A 74 19.85 -12.00 -0.44
C HIS A 74 20.63 -12.23 -1.72
N ALA A 75 20.08 -13.05 -2.62
CA ALA A 75 20.74 -13.39 -3.87
C ALA A 75 19.72 -13.87 -4.86
N ARG A 76 20.01 -13.70 -6.15
CA ARG A 76 19.12 -14.18 -7.20
C ARG A 76 18.86 -15.69 -7.07
N LYS A 77 19.91 -16.46 -6.81
CA LYS A 77 19.77 -17.91 -6.63
C LYS A 77 18.74 -18.28 -5.56
N ASP A 78 18.67 -17.49 -4.50
CA ASP A 78 17.78 -17.82 -3.38
C ASP A 78 16.31 -17.56 -3.70
N ILE A 79 16.03 -16.61 -4.59
CA ILE A 79 14.62 -16.30 -4.86
C ILE A 79 14.09 -17.10 -6.04
N LEU A 80 14.99 -17.61 -6.89
CA LEU A 80 14.59 -18.33 -8.10
C LEU A 80 13.64 -19.50 -7.84
N PRO A 81 13.81 -20.24 -6.73
CA PRO A 81 12.85 -21.34 -6.54
C PRO A 81 11.41 -20.87 -6.20
N TYR A 82 11.19 -19.57 -6.05
CA TYR A 82 9.88 -19.10 -5.60
C TYR A 82 9.24 -18.17 -6.60
N VAL A 83 9.99 -17.80 -7.64
CA VAL A 83 9.47 -16.91 -8.66
C VAL A 83 8.48 -17.68 -9.53
N THR A 84 7.54 -16.97 -10.14
CA THR A 84 6.55 -17.58 -11.03
C THR A 84 6.17 -16.58 -12.12
N LYS A 85 5.65 -17.08 -13.23
CA LYS A 85 5.01 -16.20 -14.20
C LYS A 85 3.76 -15.60 -13.55
N LYS A 86 3.24 -14.52 -14.11
CA LYS A 86 2.14 -13.82 -13.50
C LYS A 86 0.84 -14.62 -13.49
N ASP A 87 0.73 -15.64 -14.34
CA ASP A 87 -0.51 -16.41 -14.41
C ASP A 87 -0.31 -17.89 -14.15
N GLU A 88 0.78 -18.21 -13.45
CA GLU A 88 1.03 -19.57 -13.04
C GLU A 88 1.48 -19.57 -11.60
N GLY A 89 1.40 -20.72 -10.94
CA GLY A 89 2.02 -20.87 -9.64
C GLY A 89 1.17 -20.60 -8.41
N PRO A 90 1.76 -20.85 -7.24
CA PRO A 90 1.09 -20.84 -5.92
C PRO A 90 0.34 -19.55 -5.61
N SER A 91 0.97 -18.39 -5.79
CA SER A 91 0.29 -17.13 -5.47
C SER A 91 -0.90 -16.90 -6.40
N PHE A 92 -0.71 -17.20 -7.68
CA PHE A 92 -1.78 -17.00 -8.64
C PHE A 92 -2.94 -17.98 -8.40
N GLU A 93 -2.61 -19.24 -8.15
CA GLU A 93 -3.63 -20.26 -7.92
C GLU A 93 -4.41 -19.96 -6.64
N LEU A 94 -3.71 -19.50 -5.60
CA LEU A 94 -4.38 -19.09 -4.38
C LEU A 94 -5.37 -17.95 -4.64
N ALA A 95 -4.91 -16.91 -5.34
CA ALA A 95 -5.74 -15.74 -5.63
C ALA A 95 -6.96 -16.12 -6.48
N LYS A 96 -6.77 -17.02 -7.43
CA LYS A 96 -7.87 -17.49 -8.29
C LYS A 96 -8.88 -18.30 -7.49
N SER A 97 -8.41 -19.14 -6.58
CA SER A 97 -9.30 -19.94 -5.76
C SER A 97 -10.06 -19.06 -4.77
N ILE A 98 -9.35 -18.12 -4.15
CA ILE A 98 -10.01 -17.16 -3.27
C ILE A 98 -11.08 -16.36 -4.00
N SER A 99 -10.72 -15.83 -5.17
CA SER A 99 -11.63 -14.98 -5.94
C SER A 99 -12.88 -15.75 -6.39
N GLU A 100 -12.71 -17.04 -6.68
CA GLU A 100 -13.83 -17.86 -7.12
C GLU A 100 -14.70 -18.27 -5.93
N LYS A 101 -14.09 -18.50 -4.78
CA LYS A 101 -14.84 -18.86 -3.58
C LYS A 101 -15.61 -17.69 -2.97
N PHE A 102 -15.10 -16.47 -3.15
CA PHE A 102 -15.74 -15.30 -2.54
C PHE A 102 -16.32 -14.35 -3.59
N GLN A 103 -16.24 -14.73 -4.86
CA GLN A 103 -16.71 -13.87 -5.96
C GLN A 103 -16.23 -12.45 -5.75
N CYS A 104 -14.92 -12.27 -5.59
CA CYS A 104 -14.33 -10.97 -5.31
C CYS A 104 -13.09 -10.71 -6.15
N TYR A 105 -12.58 -9.47 -6.06
CA TYR A 105 -11.23 -9.18 -6.55
C TYR A 105 -10.24 -9.63 -5.49
N THR A 106 -9.14 -10.23 -5.92
CA THR A 106 -8.10 -10.65 -5.00
C THR A 106 -6.76 -10.13 -5.51
N ILE A 107 -6.01 -9.46 -4.64
CA ILE A 107 -4.73 -8.86 -5.02
C ILE A 107 -3.62 -9.38 -4.10
N ILE A 108 -2.58 -9.95 -4.69
CA ILE A 108 -1.52 -10.54 -3.88
C ILE A 108 -0.13 -10.21 -4.43
N GLY A 109 0.81 -9.92 -3.53
CA GLY A 109 2.16 -9.63 -3.94
C GLY A 109 2.95 -10.91 -4.04
N TYR A 110 3.78 -11.02 -5.08
CA TYR A 110 4.51 -12.26 -5.34
C TYR A 110 5.75 -11.93 -6.16
N PRO A 111 6.80 -12.76 -6.07
CA PRO A 111 7.97 -12.58 -6.94
C PRO A 111 7.74 -13.14 -8.35
N GLU A 112 7.91 -12.30 -9.35
CA GLU A 112 7.57 -12.65 -10.73
C GLU A 112 8.81 -12.85 -11.61
N GLU A 113 8.74 -13.84 -12.49
CA GLU A 113 9.67 -13.96 -13.61
C GLU A 113 8.90 -13.86 -14.94
N ASP A 114 9.43 -13.13 -15.91
CA ASP A 114 8.79 -13.08 -17.23
C ASP A 114 9.51 -14.01 -18.23
N ASP A 115 9.03 -13.99 -19.47
CA ASP A 115 9.52 -14.91 -20.51
C ASP A 115 10.99 -14.67 -20.81
N GLU A 116 11.44 -13.43 -20.62
CA GLU A 116 12.83 -13.07 -20.92
C GLU A 116 13.73 -13.21 -19.71
N GLN A 117 13.31 -14.01 -18.72
CA GLN A 117 14.11 -14.27 -17.53
C GLN A 117 14.36 -13.01 -16.66
N LYS A 118 13.53 -12.00 -16.79
CA LYS A 118 13.63 -10.83 -15.92
C LYS A 118 12.80 -11.03 -14.65
N LEU A 119 13.28 -10.52 -13.53
CA LEU A 119 12.61 -10.66 -12.24
C LEU A 119 11.97 -9.35 -11.78
N TYR A 120 10.78 -9.45 -11.19
CA TYR A 120 10.09 -8.28 -10.65
C TYR A 120 9.49 -8.58 -9.28
N ASN A 121 9.23 -7.51 -8.54
CA ASN A 121 8.43 -7.55 -7.31
C ASN A 121 7.03 -7.07 -7.70
N SER A 122 6.07 -7.97 -7.68
CA SER A 122 4.80 -7.70 -8.36
C SER A 122 3.56 -7.93 -7.52
N ALA A 123 2.42 -7.51 -8.06
CA ALA A 123 1.13 -7.71 -7.42
C ALA A 123 0.11 -8.05 -8.50
N LEU A 124 -0.43 -9.25 -8.48
CA LEU A 124 -1.38 -9.67 -9.50
C LEU A 124 -2.81 -9.46 -9.03
N VAL A 125 -3.70 -9.14 -9.96
CA VAL A 125 -5.09 -8.90 -9.62
C VAL A 125 -6.01 -9.89 -10.35
N VAL A 126 -6.83 -10.59 -9.59
CA VAL A 126 -7.79 -11.56 -10.14
C VAL A 126 -9.22 -11.07 -9.92
N ASN A 127 -10.07 -11.17 -10.95
CA ASN A 127 -11.45 -10.73 -10.82
C ASN A 127 -12.34 -11.83 -10.26
N PRO A 128 -13.62 -11.52 -9.99
CA PRO A 128 -14.51 -12.51 -9.38
C PRO A 128 -14.73 -13.75 -10.25
N GLN A 129 -14.43 -13.67 -11.54
CA GLN A 129 -14.56 -14.82 -12.44
C GLN A 129 -13.33 -15.70 -12.40
N GLY A 130 -12.34 -15.31 -11.59
CA GLY A 130 -11.09 -16.04 -11.51
C GLY A 130 -10.15 -15.73 -12.66
N GLY A 131 -10.38 -14.60 -13.30
CA GLY A 131 -9.52 -14.19 -14.41
C GLY A 131 -8.54 -13.13 -13.95
N GLN A 132 -7.28 -13.26 -14.37
CA GLN A 132 -6.30 -12.24 -14.05
C GLN A 132 -6.48 -11.02 -14.92
N ILE A 133 -6.79 -9.89 -14.30
CA ILE A 133 -7.07 -8.69 -15.04
C ILE A 133 -5.92 -7.69 -15.01
N PHE A 134 -4.98 -7.86 -14.08
CA PHE A 134 -3.87 -6.91 -14.00
C PHE A 134 -2.68 -7.50 -13.27
N ASN A 135 -1.50 -6.97 -13.59
CA ASN A 135 -0.25 -7.33 -12.95
C ASN A 135 0.58 -6.07 -12.81
N TYR A 136 0.78 -5.62 -11.58
CA TYR A 136 1.55 -4.42 -11.33
C TYR A 136 2.92 -4.78 -10.81
N ARG A 137 3.94 -4.09 -11.32
CA ARG A 137 5.31 -4.31 -10.87
C ARG A 137 5.81 -3.11 -10.05
N LYS A 138 6.54 -3.39 -8.98
CA LYS A 138 7.05 -2.35 -8.10
C LYS A 138 7.90 -1.36 -8.91
N THR A 139 7.73 -0.09 -8.60
CA THR A 139 8.28 1.00 -9.42
C THR A 139 9.49 1.66 -8.77
N PHE A 140 9.40 1.92 -7.46
CA PHE A 140 10.57 2.37 -6.68
C PHE A 140 11.11 1.19 -5.89
N LEU A 141 12.36 0.79 -6.13
CA LEU A 141 12.88 -0.40 -5.46
C LEU A 141 13.56 -0.06 -4.14
N TYR A 142 13.50 -1.02 -3.23
CA TYR A 142 14.16 -0.91 -1.94
C TYR A 142 15.51 -1.66 -2.01
N ASP A 143 16.38 -1.41 -1.05
CA ASP A 143 17.70 -2.07 -0.99
C ASP A 143 17.62 -3.58 -1.18
N THR A 144 16.65 -4.23 -0.54
CA THR A 144 16.50 -5.67 -0.64
C THR A 144 16.32 -6.17 -2.08
N GLU A 145 15.51 -5.47 -2.87
CA GLU A 145 15.32 -5.83 -4.27
C GLU A 145 16.62 -5.84 -5.07
N MET A 146 17.53 -4.95 -4.72
CA MET A 146 18.79 -4.88 -5.43
C MET A 146 19.67 -6.11 -5.17
N ASN A 147 19.40 -6.83 -4.08
CA ASN A 147 20.13 -8.07 -3.78
C ASN A 147 19.92 -9.16 -4.82
N TRP A 148 18.74 -9.21 -5.42
CA TRP A 148 18.41 -10.33 -6.29
C TRP A 148 18.05 -9.97 -7.72
N ASP A 149 18.47 -8.79 -8.17
CA ASP A 149 18.37 -8.40 -9.59
C ASP A 149 16.96 -8.01 -10.03
N CYS A 150 16.14 -7.58 -9.07
CA CYS A 150 14.81 -7.06 -9.37
C CYS A 150 14.89 -5.86 -10.34
N GLU A 151 13.93 -5.78 -11.26
CA GLU A 151 13.80 -4.68 -12.22
C GLU A 151 12.83 -3.61 -11.74
N GLU A 152 13.03 -2.36 -12.12
CA GLU A 152 11.99 -1.35 -11.94
C GLU A 152 10.90 -1.56 -12.98
N ASN A 153 9.66 -1.29 -12.60
CA ASN A 153 8.54 -1.31 -13.53
C ASN A 153 8.79 -0.32 -14.67
N PRO A 154 8.92 -0.82 -15.91
CA PRO A 154 9.21 0.08 -17.03
C PRO A 154 8.03 0.99 -17.38
N GLU A 155 6.84 0.67 -16.88
CA GLU A 155 5.69 1.56 -17.11
C GLU A 155 5.58 2.66 -16.06
N GLY A 156 6.44 2.63 -15.04
CA GLY A 156 6.28 3.54 -13.92
C GLY A 156 4.96 3.26 -13.20
N PHE A 157 4.44 4.24 -12.45
CA PHE A 157 3.18 4.05 -11.74
C PHE A 157 2.04 3.84 -12.74
N GLN A 158 1.04 3.04 -12.36
CA GLN A 158 -0.04 2.70 -13.28
C GLN A 158 -1.41 2.76 -12.61
N THR A 159 -2.45 3.01 -13.39
CA THR A 159 -3.81 2.89 -12.89
C THR A 159 -4.52 1.82 -13.72
N PHE A 160 -5.65 1.34 -13.21
CA PHE A 160 -6.44 0.36 -13.93
C PHE A 160 -7.86 0.37 -13.42
N PRO A 161 -8.81 -0.05 -14.28
CA PRO A 161 -10.22 -0.07 -13.89
C PRO A 161 -10.59 -1.35 -13.15
N MET A 162 -11.43 -1.23 -12.14
CA MET A 162 -12.00 -2.39 -11.48
C MET A 162 -13.52 -2.31 -11.53
N ASP A 163 -14.15 -3.25 -12.23
CA ASP A 163 -15.61 -3.29 -12.33
C ASP A 163 -16.22 -3.92 -11.10
N PHE A 164 -16.92 -3.12 -10.30
CA PHE A 164 -17.59 -3.65 -9.13
C PHE A 164 -19.08 -3.77 -9.42
N SER A 165 -19.64 -4.95 -9.14
CA SER A 165 -21.08 -5.19 -9.34
C SER A 165 -21.88 -4.90 -8.09
N LYS A 166 -23.00 -4.21 -8.26
CA LYS A 166 -23.95 -4.00 -7.17
C LYS A 166 -23.28 -3.35 -5.96
N CYS A 167 -22.54 -2.27 -6.20
CA CYS A 167 -21.77 -1.62 -5.17
C CYS A 167 -22.08 -0.13 -5.05
N ALA A 168 -23.05 0.33 -5.84
CA ALA A 168 -23.30 1.76 -5.98
C ALA A 168 -24.78 2.13 -6.08
N LYS A 169 -25.07 3.41 -5.83
CA LYS A 169 -26.43 3.94 -5.91
C LYS A 169 -26.41 5.45 -6.12
N LEU A 170 -27.49 6.00 -6.64
CA LEU A 170 -27.67 7.45 -6.64
C LEU A 170 -28.03 7.84 -5.22
N SER A 171 -27.82 9.11 -4.87
CA SER A 171 -27.96 9.52 -3.48
C SER A 171 -29.38 9.42 -2.94
N ASN A 172 -30.38 9.38 -3.82
CA ASN A 172 -31.77 9.26 -3.37
C ASN A 172 -32.27 7.81 -3.32
N GLU A 173 -31.42 6.86 -3.72
CA GLU A 173 -31.80 5.44 -3.71
C GLU A 173 -31.51 4.76 -2.37
N ASP A 174 -32.20 3.65 -2.09
CA ASP A 174 -32.19 3.03 -0.75
C ASP A 174 -31.38 1.73 -0.68
N SER A 175 -30.86 1.27 -1.82
CA SER A 175 -29.99 0.10 -1.85
C SER A 175 -28.86 0.27 -2.87
N TYR A 176 -27.77 -0.46 -2.66
CA TYR A 176 -26.62 -0.43 -3.57
C TYR A 176 -26.77 -1.48 -4.65
N ASN A 177 -27.58 -1.16 -5.65
CA ASN A 177 -27.92 -2.10 -6.70
C ASN A 177 -27.31 -1.71 -8.05
N ARG A 178 -26.58 -0.61 -8.08
CA ARG A 178 -25.88 -0.20 -9.31
C ARG A 178 -24.45 -0.71 -9.35
N ASP A 179 -23.91 -0.80 -10.56
CA ASP A 179 -22.51 -1.17 -10.79
C ASP A 179 -21.65 0.08 -10.93
N VAL A 180 -20.37 -0.04 -10.61
CA VAL A 180 -19.45 1.09 -10.73
C VAL A 180 -18.05 0.63 -11.13
N THR A 181 -17.44 1.31 -12.09
CA THR A 181 -16.05 1.02 -12.43
C THR A 181 -15.18 2.05 -11.74
N LEU A 182 -14.37 1.60 -10.79
CA LEU A 182 -13.45 2.48 -10.06
C LEU A 182 -12.09 2.51 -10.71
N LYS A 183 -11.47 3.68 -10.69
CA LYS A 183 -10.09 3.84 -11.11
C LYS A 183 -9.21 3.48 -9.93
N ALA A 184 -8.38 2.47 -10.11
CA ALA A 184 -7.57 1.96 -9.01
C ALA A 184 -6.10 2.16 -9.31
N SER A 185 -5.28 2.12 -8.25
CA SER A 185 -3.85 2.09 -8.43
C SER A 185 -3.22 1.22 -7.35
N ILE A 186 -2.23 0.43 -7.73
CA ILE A 186 -1.47 -0.31 -6.74
C ILE A 186 -0.13 0.38 -6.54
N GLY A 187 0.25 0.54 -5.27
CA GLY A 187 1.58 1.01 -4.93
C GLY A 187 2.20 0.03 -3.95
N ILE A 188 3.34 -0.55 -4.32
CA ILE A 188 4.00 -1.53 -3.45
C ILE A 188 5.05 -0.82 -2.59
N SER A 189 4.84 -0.87 -1.28
CA SER A 189 5.71 -0.27 -0.24
C SER A 189 6.60 0.91 -0.65
N MET A 190 7.83 0.63 -1.05
CA MET A 190 8.77 1.71 -1.43
C MET A 190 8.22 2.70 -2.48
N ASP A 191 7.19 2.30 -3.22
CA ASP A 191 6.55 3.22 -4.16
C ASP A 191 6.11 4.49 -3.45
N LEU A 192 5.83 4.37 -2.16
CA LEU A 192 5.35 5.52 -1.36
C LEU A 192 6.45 6.48 -0.88
N SER A 193 7.70 6.05 -0.97
CA SER A 193 8.86 6.79 -0.46
C SER A 193 9.41 7.75 -1.52
N PRO A 194 10.22 8.73 -1.09
CA PRO A 194 10.98 9.50 -2.09
C PRO A 194 11.87 8.54 -2.88
N TYR A 195 11.97 8.74 -4.18
CA TYR A 195 12.76 7.87 -5.06
C TYR A 195 14.16 7.60 -4.50
N LYS A 196 14.48 6.32 -4.32
CA LYS A 196 15.76 5.88 -3.76
C LYS A 196 16.10 6.50 -2.42
N PHE A 197 15.12 7.08 -1.74
CA PHE A 197 15.38 7.84 -0.51
C PHE A 197 16.29 9.05 -0.76
N MET A 198 16.43 9.47 -2.01
CA MET A 198 17.34 10.57 -2.37
C MET A 198 16.59 11.78 -2.91
N ALA A 199 15.47 11.54 -3.60
CA ALA A 199 14.62 12.63 -4.08
C ALA A 199 14.11 13.47 -2.93
N PRO A 200 13.69 14.71 -3.22
CA PRO A 200 13.12 15.56 -2.16
C PRO A 200 11.87 14.92 -1.55
N PHE A 201 11.76 15.02 -0.24
CA PHE A 201 10.63 14.49 0.49
C PHE A 201 9.30 15.03 -0.04
N ASN A 202 9.28 16.29 -0.46
CA ASN A 202 8.00 16.88 -0.79
C ASN A 202 7.57 16.66 -2.24
N HIS A 203 8.29 15.79 -2.95
CA HIS A 203 7.79 15.36 -4.25
C HIS A 203 6.56 14.45 -4.14
N PHE A 204 6.48 13.66 -3.06
CA PHE A 204 5.37 12.72 -2.86
C PHE A 204 4.97 12.10 -4.18
N GLU A 205 5.89 11.39 -4.82
CA GLU A 205 5.69 10.93 -6.19
C GLU A 205 4.43 10.07 -6.36
N PHE A 206 4.28 9.02 -5.55
CA PHE A 206 3.15 8.11 -5.74
C PHE A 206 1.81 8.77 -5.45
N SER A 207 1.70 9.44 -4.32
CA SER A 207 0.41 10.03 -3.97
C SER A 207 0.06 11.19 -4.91
N SER A 208 1.07 11.89 -5.41
CA SER A 208 0.85 12.93 -6.42
C SER A 208 0.29 12.32 -7.70
N PHE A 209 0.89 11.20 -8.11
CA PHE A 209 0.40 10.46 -9.27
C PHE A 209 -1.07 10.06 -9.11
N CYS A 210 -1.44 9.59 -7.93
CA CYS A 210 -2.83 9.16 -7.70
C CYS A 210 -3.79 10.35 -7.78
N VAL A 211 -3.40 11.47 -7.16
CA VAL A 211 -4.21 12.69 -7.23
C VAL A 211 -4.27 13.24 -8.67
N ASP A 212 -3.12 13.28 -9.33
CA ASP A 212 -3.03 13.71 -10.73
C ASP A 212 -3.99 12.93 -11.61
N ASN A 213 -4.07 11.62 -11.38
CA ASN A 213 -4.87 10.74 -12.24
C ASN A 213 -6.26 10.44 -11.70
N ASN A 214 -6.69 11.17 -10.67
CA ASN A 214 -8.02 11.00 -10.10
C ASN A 214 -8.30 9.57 -9.67
N VAL A 215 -7.32 8.95 -9.03
CA VAL A 215 -7.51 7.60 -8.55
C VAL A 215 -8.48 7.60 -7.38
N GLU A 216 -9.32 6.57 -7.32
CA GLU A 216 -10.36 6.48 -6.31
C GLU A 216 -10.08 5.37 -5.28
N LEU A 217 -9.40 4.32 -5.72
CA LEU A 217 -9.10 3.19 -4.85
C LEU A 217 -7.60 2.92 -4.90
N ILE A 218 -6.91 3.17 -3.79
CA ILE A 218 -5.46 2.98 -3.70
C ILE A 218 -5.15 1.71 -2.88
N LEU A 219 -4.44 0.76 -3.50
CA LEU A 219 -4.13 -0.51 -2.87
C LEU A 219 -2.63 -0.67 -2.69
N CYS A 220 -2.22 -0.93 -1.45
CA CYS A 220 -0.78 -0.98 -1.15
C CYS A 220 -0.38 -2.25 -0.41
N PRO A 221 -0.01 -3.29 -1.16
CA PRO A 221 0.70 -4.41 -0.53
C PRO A 221 2.08 -3.93 -0.07
N MET A 222 2.45 -4.22 1.16
CA MET A 222 3.73 -3.74 1.71
C MET A 222 4.48 -4.76 2.57
N ALA A 223 5.80 -4.57 2.68
CA ALA A 223 6.61 -5.27 3.66
C ALA A 223 7.44 -4.18 4.31
N TRP A 224 6.77 -3.37 5.12
CA TRP A 224 7.31 -2.09 5.60
C TRP A 224 7.85 -2.25 7.02
N LEU A 225 9.04 -1.72 7.25
CA LEU A 225 9.78 -1.90 8.51
C LEU A 225 9.32 -1.04 9.69
N ASN A 226 9.30 -1.66 10.87
CA ASN A 226 9.27 -0.93 12.13
C ASN A 226 10.68 -0.40 12.40
N SER A 227 10.80 0.78 13.01
CA SER A 227 12.10 1.43 13.06
C SER A 227 13.06 0.82 14.09
N THR A 228 12.59 -0.21 14.80
CA THR A 228 13.47 -1.00 15.68
C THR A 228 14.43 -1.86 14.83
N SER A 229 14.10 -2.01 13.55
CA SER A 229 14.93 -2.78 12.61
C SER A 229 16.34 -2.20 12.51
N ILE A 230 17.28 -3.05 12.16
CA ILE A 230 18.65 -2.60 11.96
C ILE A 230 18.82 -2.20 10.51
N THR A 231 18.96 -0.91 10.25
CA THR A 231 19.10 -0.46 8.87
C THR A 231 20.38 0.35 8.63
N ASP A 232 21.08 0.72 9.70
CA ASP A 232 22.32 1.49 9.59
C ASP A 232 23.40 0.73 8.81
N LYS A 233 23.87 1.31 7.72
CA LYS A 233 24.72 0.58 6.78
C LYS A 233 26.08 0.20 7.38
N GLN A 234 26.64 1.08 8.20
CA GLN A 234 27.94 0.76 8.80
C GLN A 234 27.78 -0.40 9.79
N THR A 235 26.66 -0.43 10.48
CA THR A 235 26.35 -1.54 11.39
C THR A 235 26.20 -2.86 10.64
N LEU A 236 25.43 -2.84 9.57
CA LEU A 236 25.21 -4.05 8.78
C LEU A 236 26.52 -4.65 8.22
N HIS A 237 27.55 -3.82 8.04
CA HIS A 237 28.76 -4.25 7.36
C HIS A 237 30.01 -4.26 8.24
N ASN A 238 29.76 -4.23 9.55
CA ASN A 238 30.79 -4.39 10.55
C ASN A 238 30.32 -5.51 11.47
N ASN A 239 30.94 -6.67 11.37
CA ASN A 239 30.41 -7.86 12.02
C ASN A 239 30.27 -7.72 13.53
N SER A 240 31.15 -6.93 14.14
CA SER A 240 31.11 -6.67 15.58
C SER A 240 29.88 -5.86 15.98
N LEU A 241 29.66 -4.76 15.27
CA LEU A 241 28.49 -3.92 15.51
C LEU A 241 27.17 -4.67 15.18
N LEU A 242 27.23 -5.53 14.19
CA LEU A 242 26.03 -6.27 13.77
C LEU A 242 25.64 -7.31 14.82
N GLU A 243 26.62 -8.05 15.34
CA GLU A 243 26.34 -9.03 16.39
C GLU A 243 25.71 -8.34 17.61
N ALA A 244 26.24 -7.18 17.98
CA ALA A 244 25.67 -6.44 19.11
C ALA A 244 24.25 -5.99 18.80
N ALA A 245 24.02 -5.53 17.57
CA ALA A 245 22.69 -5.07 17.17
C ALA A 245 21.69 -6.23 17.18
N LYS A 246 22.12 -7.38 16.69
CA LYS A 246 21.24 -8.55 16.63
C LYS A 246 20.84 -9.02 18.03
N ASN A 247 21.76 -8.94 18.99
CA ASN A 247 21.42 -9.27 20.38
C ASN A 247 20.32 -8.36 20.92
N LYS A 248 20.33 -7.09 20.52
CA LYS A 248 19.31 -6.15 20.97
C LYS A 248 17.92 -6.55 20.49
N ILE A 249 17.85 -6.97 19.23
CA ILE A 249 16.57 -7.40 18.67
C ILE A 249 16.13 -8.72 19.31
N ALA A 250 17.07 -9.64 19.46
CA ALA A 250 16.78 -10.92 20.13
C ALA A 250 16.11 -10.67 21.48
N PHE A 251 16.71 -9.79 22.28
CA PHE A 251 16.16 -9.51 23.60
C PHE A 251 14.76 -8.93 23.53
N ALA A 252 14.57 -7.99 22.62
CA ALA A 252 13.27 -7.32 22.47
C ALA A 252 12.14 -8.31 22.14
N LEU A 253 12.45 -9.31 21.31
CA LEU A 253 11.46 -10.35 20.99
C LEU A 253 11.28 -11.29 22.19
N LYS A 254 12.38 -11.75 22.77
CA LYS A 254 12.28 -12.66 23.91
C LYS A 254 11.47 -12.02 25.03
N GLU A 255 11.76 -10.76 25.32
CA GLU A 255 11.03 -10.02 26.34
C GLU A 255 9.51 -9.99 26.06
N GLN A 256 9.11 -10.10 24.80
CA GLN A 256 7.69 -10.09 24.41
C GLN A 256 7.06 -11.49 24.36
N GLY A 257 7.83 -12.52 24.73
CA GLY A 257 7.34 -13.88 24.65
C GLY A 257 7.19 -14.37 23.21
N LEU A 258 8.00 -13.83 22.31
CA LEU A 258 7.92 -14.19 20.90
C LEU A 258 9.13 -14.96 20.39
N PRO A 259 8.92 -15.91 19.47
CA PRO A 259 10.07 -16.52 18.80
C PRO A 259 10.72 -15.49 17.89
N LEU A 260 11.98 -15.69 17.51
CA LEU A 260 12.72 -14.66 16.81
C LEU A 260 12.04 -14.24 15.49
N ALA A 261 11.38 -15.18 14.84
CA ALA A 261 10.70 -14.91 13.54
C ALA A 261 9.39 -14.12 13.73
N GLY A 262 8.97 -13.94 14.98
CA GLY A 262 7.74 -13.25 15.24
C GLY A 262 6.56 -14.22 15.30
N SER A 263 5.36 -13.69 15.54
CA SER A 263 4.18 -14.52 15.70
C SER A 263 3.58 -15.07 14.40
N GLN A 264 3.21 -16.34 14.44
CA GLN A 264 2.52 -17.00 13.34
C GLN A 264 1.37 -17.82 13.90
N GLY A 265 0.27 -17.89 13.17
CA GLY A 265 -0.79 -18.84 13.47
C GLY A 265 -1.71 -18.50 14.63
N ILE A 266 -1.55 -17.30 15.18
CA ILE A 266 -2.45 -16.82 16.22
C ILE A 266 -3.11 -15.55 15.66
N TYR A 267 -4.38 -15.64 15.30
CA TYR A 267 -4.99 -14.65 14.41
C TYR A 267 -5.80 -13.58 15.13
N GLN A 268 -5.47 -12.33 14.85
CA GLN A 268 -6.29 -11.21 15.29
C GLN A 268 -7.33 -10.94 14.21
N LEU A 269 -8.61 -11.05 14.56
CA LEU A 269 -9.67 -10.86 13.58
C LEU A 269 -10.49 -9.64 13.96
N LYS A 270 -10.62 -8.70 13.03
CA LYS A 270 -11.47 -7.52 13.17
C LYS A 270 -12.44 -7.50 12.00
N ILE A 271 -13.45 -8.36 12.08
CA ILE A 271 -14.28 -8.65 10.92
C ILE A 271 -15.64 -7.99 11.04
N GLY A 272 -15.80 -6.88 10.32
CA GLY A 272 -17.11 -6.24 10.24
C GLY A 272 -17.46 -5.34 11.41
N ASP A 273 -16.59 -5.23 12.42
CA ASP A 273 -16.81 -4.25 13.46
C ASP A 273 -16.61 -2.84 12.88
N SER A 274 -16.80 -1.82 13.70
CA SER A 274 -16.60 -0.45 13.26
C SER A 274 -15.65 0.31 14.20
N GLN A 275 -14.85 -0.44 14.97
CA GLN A 275 -13.84 0.17 15.84
C GLN A 275 -12.81 0.95 15.02
N ARG A 276 -12.71 2.26 15.26
CA ARG A 276 -11.77 3.10 14.54
C ARG A 276 -10.47 3.19 15.28
N THR A 277 -9.40 3.53 14.55
CA THR A 277 -8.10 3.70 15.19
C THR A 277 -7.98 5.10 15.77
N PRO A 278 -7.61 5.19 17.06
CA PRO A 278 -7.48 6.49 17.73
C PRO A 278 -6.42 7.38 17.09
N ARG A 279 -6.72 8.66 16.92
CA ARG A 279 -5.77 9.59 16.32
C ARG A 279 -4.72 9.95 17.35
N VAL A 280 -3.46 9.82 16.97
CA VAL A 280 -2.34 9.98 17.89
C VAL A 280 -1.13 10.55 17.14
N PRO A 281 -0.39 11.47 17.77
CA PRO A 281 0.85 12.01 17.22
C PRO A 281 2.03 11.07 17.47
N SER A 282 3.06 11.09 16.62
CA SER A 282 4.24 10.27 16.82
C SER A 282 5.12 10.84 17.94
N ASP A 283 5.70 9.95 18.73
CA ASP A 283 6.69 10.36 19.74
C ASP A 283 7.70 9.23 19.93
N ASP A 284 8.61 9.41 20.88
CA ASP A 284 9.70 8.44 21.10
C ASP A 284 9.20 7.02 21.36
N SER A 285 7.97 6.89 21.87
CA SER A 285 7.44 5.61 22.31
C SER A 285 6.60 4.89 21.26
N THR A 286 6.08 5.63 20.29
CA THR A 286 5.16 5.06 19.32
C THR A 286 5.87 4.14 18.33
N SER A 287 7.20 4.16 18.32
CA SER A 287 7.98 3.29 17.44
C SER A 287 8.37 1.97 18.10
N GLU A 288 8.14 1.85 19.41
CA GLU A 288 8.57 0.66 20.14
C GLU A 288 7.84 -0.60 19.69
N TYR A 289 8.60 -1.68 19.51
CA TYR A 289 7.98 -2.94 19.14
C TYR A 289 7.46 -3.63 20.39
N LYS A 290 6.34 -3.11 20.89
CA LYS A 290 5.64 -3.67 22.05
C LYS A 290 4.15 -3.65 21.75
N ASP A 291 3.37 -4.45 22.48
CA ASP A 291 1.91 -4.49 22.31
C ASP A 291 1.50 -4.97 20.91
N MET A 292 1.67 -6.27 20.66
CA MET A 292 1.53 -6.80 19.30
C MET A 292 0.14 -6.62 18.68
N ASP A 293 -0.89 -6.42 19.50
CA ASP A 293 -2.23 -6.28 18.93
C ASP A 293 -2.62 -4.83 18.62
N GLU A 294 -1.72 -3.88 18.92
CA GLU A 294 -1.93 -2.46 18.60
C GLU A 294 -1.08 -2.03 17.39
N PRO A 295 -1.61 -1.16 16.53
CA PRO A 295 -0.81 -0.66 15.39
C PRO A 295 0.43 0.12 15.82
N ASP A 296 1.44 0.15 14.94
CA ASP A 296 2.63 0.99 15.08
C ASP A 296 2.22 2.38 14.59
N MET A 297 1.96 3.31 15.51
CA MET A 297 1.42 4.60 15.09
C MET A 297 2.49 5.51 14.49
N SER A 298 3.76 5.24 14.80
CA SER A 298 4.83 5.96 14.12
C SER A 298 4.69 5.72 12.62
N ASN A 299 4.46 4.46 12.23
CA ASN A 299 4.33 4.16 10.81
C ASN A 299 2.99 4.58 10.23
N VAL A 300 1.93 4.44 11.01
CA VAL A 300 0.61 4.88 10.53
C VAL A 300 0.66 6.37 10.21
N ASN A 301 1.23 7.16 11.11
CA ASN A 301 1.36 8.59 10.87
C ASN A 301 2.25 8.90 9.66
N TYR A 302 3.31 8.12 9.48
CA TYR A 302 4.21 8.36 8.38
C TYR A 302 3.53 8.01 7.06
N TRP A 303 2.81 6.89 7.03
CA TRP A 303 2.07 6.53 5.82
C TRP A 303 1.09 7.64 5.43
N ILE A 304 0.34 8.13 6.41
CA ILE A 304 -0.61 9.21 6.18
C ILE A 304 0.11 10.44 5.61
N LEU A 305 1.23 10.82 6.22
CA LEU A 305 2.04 11.93 5.72
C LEU A 305 2.46 11.75 4.23
N ARG A 306 2.83 10.54 3.83
CA ARG A 306 3.27 10.31 2.45
C ARG A 306 2.10 10.43 1.46
N PHE A 307 0.88 10.56 1.98
CA PHE A 307 -0.29 10.88 1.16
C PHE A 307 -0.72 12.34 1.35
N PHE A 308 0.25 13.19 1.68
CA PHE A 308 0.00 14.62 1.88
C PHE A 308 -0.93 15.32 0.85
N PRO A 309 -0.75 15.05 -0.46
CA PRO A 309 -1.64 15.69 -1.46
C PRO A 309 -3.13 15.43 -1.22
N PHE A 310 -3.45 14.36 -0.48
CA PHE A 310 -4.85 14.00 -0.18
C PHE A 310 -5.34 14.65 1.11
N LEU A 311 -4.44 15.30 1.84
CA LEU A 311 -4.76 15.86 3.15
C LEU A 311 -5.02 17.34 3.06
N TYR A 312 -6.02 17.82 3.81
CA TYR A 312 -6.26 19.25 3.93
C TYR A 312 -5.05 19.94 4.57
N PHE A 313 -4.72 21.11 4.04
CA PHE A 313 -3.59 21.88 4.54
C PHE A 313 -3.84 23.36 4.28
N LYS A 314 -3.93 24.15 5.35
CA LYS A 314 -4.39 25.55 5.23
C LYS A 314 -3.55 26.36 4.25
N LEU A 315 -2.24 26.14 4.28
CA LEU A 315 -1.29 26.96 3.53
C LEU A 315 -1.47 26.95 2.01
N ARG A 316 -2.22 25.98 1.48
CA ARG A 316 -2.36 25.87 0.03
C ARG A 316 -3.03 27.11 -0.58
N ILE A 317 -3.88 27.78 0.18
CA ILE A 317 -4.57 28.97 -0.35
C ILE A 317 -3.51 30.04 -0.68
N ASN A 318 -2.50 30.17 0.18
CA ASN A 318 -1.41 31.12 -0.03
C ASN A 318 -0.48 30.71 -1.17
N TRP A 319 -0.25 29.41 -1.32
CA TRP A 319 0.56 28.91 -2.43
C TRP A 319 -0.12 29.22 -3.74
N PHE A 320 -1.43 29.09 -3.76
CA PHE A 320 -2.20 29.27 -4.98
C PHE A 320 -2.32 30.76 -5.32
N LYS A 321 -2.61 31.56 -4.30
CA LYS A 321 -2.78 33.01 -4.46
C LYS A 321 -1.51 33.69 -4.96
N ASN A 322 -0.35 33.17 -4.54
CA ASN A 322 0.92 33.74 -4.94
C ASN A 322 1.53 33.04 -6.14
N SER A 323 0.83 32.03 -6.66
CA SER A 323 1.32 31.21 -7.75
C SER A 323 2.72 30.66 -7.46
N SER A 324 2.97 30.33 -6.19
CA SER A 324 4.29 29.91 -5.72
C SER A 324 4.75 28.58 -6.31
N LEU A 325 3.81 27.75 -6.77
CA LEU A 325 4.15 26.40 -7.22
C LEU A 325 4.00 26.17 -8.72
N ILE A 326 3.67 27.23 -9.45
CA ILE A 326 3.42 27.10 -10.88
C ILE A 326 4.61 26.47 -11.61
N GLU A 327 5.82 26.93 -11.30
CA GLU A 327 7.00 26.40 -11.97
C GLU A 327 7.25 24.95 -11.57
N SER A 328 6.98 24.61 -10.31
CA SER A 328 7.05 23.22 -9.84
C SER A 328 6.04 22.33 -10.56
N ILE A 329 4.82 22.84 -10.73
CA ILE A 329 3.78 22.06 -11.38
C ILE A 329 4.12 21.84 -12.84
N LEU A 330 4.47 22.91 -13.54
CA LEU A 330 4.81 22.85 -14.95
C LEU A 330 6.07 22.04 -15.19
N GLY A 331 7.02 22.17 -14.28
CA GLY A 331 8.30 21.50 -14.41
C GLY A 331 8.39 20.02 -14.06
N LYS A 332 7.40 19.49 -13.34
CA LYS A 332 7.54 18.11 -12.88
C LYS A 332 7.31 17.13 -14.02
N THR A 333 8.10 16.06 -14.03
CA THR A 333 7.99 15.04 -15.06
C THR A 333 7.17 13.87 -14.53
N ARG A 334 6.75 12.97 -15.41
CA ARG A 334 5.90 11.86 -15.00
C ARG A 334 6.62 10.92 -14.04
N MET A 335 7.89 10.64 -14.32
CA MET A 335 8.70 9.81 -13.41
C MET A 335 10.03 10.51 -13.19
N PRO A 336 10.83 10.03 -12.21
CA PRO A 336 12.20 10.55 -12.10
C PRO A 336 12.92 10.33 -13.43
N LEU A 337 13.70 11.32 -13.86
CA LEU A 337 14.37 11.24 -15.15
C LEU A 337 15.28 10.01 -15.32
N ASP A 338 15.88 9.55 -14.24
CA ASP A 338 16.78 8.39 -14.29
C ASP A 338 16.05 7.07 -14.08
N HIS A 339 14.73 7.11 -14.09
CA HIS A 339 13.94 5.91 -13.85
C HIS A 339 13.87 5.06 -15.11
N GLU A 340 13.69 3.76 -14.90
CA GLU A 340 13.44 2.78 -15.95
C GLU A 340 12.42 3.25 -17.00
N TYR A 341 11.42 4.00 -16.55
CA TYR A 341 10.38 4.55 -17.43
C TYR A 341 10.92 5.17 -18.73
N TYR A 342 12.02 5.92 -18.64
CA TYR A 342 12.53 6.67 -19.78
C TYR A 342 13.62 5.94 -20.57
N LYS A 343 14.04 4.79 -20.05
CA LYS A 343 14.97 3.92 -20.75
C LYS A 343 14.22 3.13 -21.82
N LYS A 346 9.64 6.05 -23.53
CA LYS A 346 8.86 7.28 -23.39
C LYS A 346 9.79 8.48 -23.58
N HIS A 347 9.19 9.63 -23.87
CA HIS A 347 9.96 10.84 -24.17
C HIS A 347 9.77 11.92 -23.13
N LYS A 348 10.88 12.40 -22.56
CA LYS A 348 10.86 13.42 -21.53
C LYS A 348 10.22 14.71 -22.02
N ASP A 353 8.75 23.15 -21.74
CA ASP A 353 8.59 24.46 -21.13
C ASP A 353 7.43 25.22 -21.77
N LEU A 354 6.23 24.90 -21.34
CA LEU A 354 5.01 25.47 -21.93
C LEU A 354 4.94 26.98 -21.75
N LEU A 355 5.63 27.49 -20.73
CA LEU A 355 5.62 28.92 -20.46
C LEU A 355 6.26 29.68 -21.62
N ASP A 356 7.27 29.08 -22.23
CA ASP A 356 8.02 29.71 -23.33
C ASP A 356 7.85 28.96 -24.65
N SER A 357 6.60 28.75 -25.06
CA SER A 357 6.29 28.04 -26.30
C SER A 357 5.01 28.58 -26.94
N GLU A 358 4.70 28.09 -28.14
CA GLU A 358 3.44 28.42 -28.78
C GLU A 358 2.44 27.26 -28.68
N GLU A 359 2.87 26.17 -28.03
CA GLU A 359 2.00 25.01 -27.78
C GLU A 359 0.95 25.36 -26.73
N VAL A 360 -0.27 24.87 -26.90
CA VAL A 360 -1.35 25.21 -25.98
C VAL A 360 -1.23 24.39 -24.69
N ILE A 361 -1.97 24.80 -23.65
CA ILE A 361 -2.02 24.04 -22.40
C ILE A 361 -3.05 22.92 -22.47
N LYS A 362 -2.60 21.68 -22.40
CA LYS A 362 -3.51 20.54 -22.49
C LYS A 362 -4.20 20.25 -21.16
N ASP A 363 -5.34 19.55 -21.23
CA ASP A 363 -6.07 19.10 -20.04
C ASP A 363 -5.14 18.44 -19.01
N THR A 364 -4.27 17.55 -19.50
CA THR A 364 -3.39 16.79 -18.60
C THR A 364 -2.48 17.68 -17.77
N VAL A 365 -2.06 18.81 -18.35
CA VAL A 365 -1.24 19.75 -17.61
C VAL A 365 -2.05 20.42 -16.49
N LEU A 366 -3.33 20.67 -16.75
CA LEU A 366 -4.20 21.27 -15.74
C LEU A 366 -4.65 20.28 -14.65
N GLU A 367 -4.40 18.99 -14.86
CA GLU A 367 -4.65 17.95 -13.84
C GLU A 367 -3.46 17.74 -12.90
N LYS A 368 -2.29 18.23 -13.34
CA LYS A 368 -1.04 18.05 -12.60
C LYS A 368 -1.03 18.75 -11.25
N THR A 369 -0.39 18.13 -10.25
CA THR A 369 -0.29 18.75 -8.93
C THR A 369 1.14 18.74 -8.39
N PHE A 370 1.41 19.66 -7.49
CA PHE A 370 2.60 19.64 -6.66
C PHE A 370 2.17 20.05 -5.27
N LEU A 371 2.51 19.22 -4.27
CA LEU A 371 2.09 19.47 -2.91
C LEU A 371 0.56 19.56 -2.83
N GLY A 372 -0.12 18.86 -3.73
CA GLY A 372 -1.58 18.82 -3.72
C GLY A 372 -2.28 19.98 -4.40
N THR A 373 -1.50 20.94 -4.88
CA THR A 373 -2.00 22.16 -5.53
C THR A 373 -1.90 22.03 -7.05
N SER A 374 -2.92 22.51 -7.76
CA SER A 374 -2.87 22.49 -9.22
C SER A 374 -2.79 23.93 -9.77
N LEU A 375 -2.67 24.05 -11.08
CA LEU A 375 -2.65 25.37 -11.70
C LEU A 375 -4.01 26.05 -11.52
N GLY A 376 -5.07 25.24 -11.44
CA GLY A 376 -6.43 25.75 -11.36
C GLY A 376 -7.07 25.88 -9.99
N GLN A 377 -6.63 25.11 -8.99
CA GLN A 377 -7.17 25.31 -7.65
C GLN A 377 -6.16 25.02 -6.55
N PRO A 378 -6.37 25.61 -5.37
CA PRO A 378 -5.42 25.51 -4.27
C PRO A 378 -5.20 24.06 -3.85
N TRP A 379 -6.27 23.27 -3.83
CA TRP A 379 -6.20 21.88 -3.41
C TRP A 379 -7.04 21.01 -4.35
N LYS A 380 -6.38 20.29 -5.25
CA LYS A 380 -7.10 19.59 -6.31
C LYS A 380 -8.06 18.54 -5.75
N PHE A 381 -7.67 17.88 -4.68
CA PHE A 381 -8.49 16.79 -4.14
C PHE A 381 -9.72 17.29 -3.39
N GLN A 382 -9.77 18.57 -3.06
CA GLN A 382 -10.86 19.12 -2.27
C GLN A 382 -12.23 18.70 -2.81
N GLY A 383 -13.12 18.29 -1.91
CA GLY A 383 -14.44 17.81 -2.27
C GLY A 383 -14.50 16.41 -2.88
N LYS A 384 -13.36 15.71 -2.95
CA LYS A 384 -13.37 14.37 -3.54
C LYS A 384 -13.28 13.29 -2.45
N ASN A 385 -13.39 12.03 -2.84
CA ASN A 385 -13.16 10.91 -1.92
C ASN A 385 -12.18 9.94 -2.52
N ALA A 386 -11.38 9.31 -1.66
CA ALA A 386 -10.53 8.23 -2.10
C ALA A 386 -10.36 7.24 -0.95
N ILE A 387 -10.21 5.97 -1.30
CA ILE A 387 -10.01 4.94 -0.28
C ILE A 387 -8.60 4.36 -0.40
N LEU A 388 -7.92 4.24 0.73
CA LEU A 388 -6.57 3.67 0.78
C LEU A 388 -6.62 2.39 1.59
N VAL A 389 -6.17 1.29 0.98
CA VAL A 389 -6.09 0.02 1.68
C VAL A 389 -4.62 -0.42 1.76
N LEU A 390 -4.12 -0.56 2.98
CA LEU A 390 -2.73 -0.92 3.23
C LEU A 390 -2.63 -2.30 3.88
N ALA A 391 -2.06 -3.26 3.14
CA ALA A 391 -1.84 -4.60 3.66
C ALA A 391 -0.35 -4.76 3.90
N ASN A 392 0.06 -4.64 5.17
CA ASN A 392 1.46 -4.75 5.52
C ASN A 392 1.70 -6.06 6.25
N ARG A 393 2.79 -6.77 5.91
CA ARG A 393 3.10 -8.01 6.61
C ARG A 393 3.59 -7.73 8.03
N CYS A 394 3.62 -8.78 8.85
CA CYS A 394 4.22 -8.70 10.18
C CYS A 394 5.37 -9.72 10.31
N GLY A 395 5.90 -9.86 11.51
CA GLY A 395 6.99 -10.80 11.76
C GLY A 395 8.38 -10.19 11.58
N THR A 396 9.39 -11.06 11.50
CA THR A 396 10.79 -10.65 11.54
C THR A 396 11.60 -11.54 10.61
N GLU A 397 12.66 -10.98 10.02
CA GLU A 397 13.58 -11.79 9.20
C GLU A 397 15.04 -11.45 9.46
N ASP A 398 15.90 -12.46 9.36
CA ASP A 398 17.37 -12.33 9.42
C ASP A 398 17.86 -11.94 10.81
N GLY A 399 16.96 -11.89 11.78
CA GLY A 399 17.30 -11.38 13.09
C GLY A 399 17.59 -9.88 13.11
N THR A 400 17.30 -9.20 12.00
CA THR A 400 17.62 -7.78 11.85
C THR A 400 16.43 -6.92 11.45
N THR A 401 15.41 -7.56 10.88
CA THR A 401 14.33 -6.85 10.21
C THR A 401 12.98 -7.16 10.83
N ILE A 402 12.37 -6.14 11.43
CA ILE A 402 11.08 -6.27 12.07
C ILE A 402 10.04 -5.50 11.25
N PHE A 403 9.08 -6.24 10.69
CA PHE A 403 8.04 -5.59 9.89
C PHE A 403 6.98 -5.00 10.79
N ALA A 404 6.36 -3.90 10.36
CA ALA A 404 5.53 -3.11 11.25
C ALA A 404 4.07 -3.59 11.35
N GLY A 405 3.67 -4.55 10.52
CA GLY A 405 2.25 -4.92 10.48
C GLY A 405 1.35 -3.71 10.33
N SER A 406 0.28 -3.65 11.13
CA SER A 406 -0.59 -2.48 11.25
C SER A 406 -1.38 -2.20 9.97
N SER A 407 -1.70 -3.27 9.25
CA SER A 407 -2.53 -3.18 8.06
C SER A 407 -3.78 -2.39 8.38
N GLY A 408 -4.27 -1.61 7.43
CA GLY A 408 -5.38 -0.72 7.74
C GLY A 408 -6.13 -0.23 6.52
N ILE A 409 -7.26 0.43 6.79
CA ILE A 409 -8.10 0.98 5.75
C ILE A 409 -8.38 2.42 6.10
N TYR A 410 -8.31 3.29 5.10
CA TYR A 410 -8.38 4.73 5.32
C TYR A 410 -9.30 5.35 4.29
N LYS A 411 -9.93 6.44 4.68
CA LYS A 411 -10.75 7.21 3.74
C LYS A 411 -10.27 8.64 3.75
N PHE A 412 -9.92 9.15 2.57
CA PHE A 412 -9.66 10.58 2.41
C PHE A 412 -10.97 11.24 2.00
N ASN A 413 -11.44 12.16 2.82
CA ASN A 413 -12.80 12.66 2.64
C ASN A 413 -12.88 14.01 1.91
N GLY A 414 -11.71 14.61 1.66
CA GLY A 414 -11.63 15.84 0.86
C GLY A 414 -12.26 17.04 1.52
N LYS A 415 -12.47 16.96 2.83
CA LYS A 415 -13.20 18.00 3.54
C LYS A 415 -12.26 19.05 4.09
N LYS A 416 -12.68 20.32 4.03
CA LYS A 416 -11.95 21.43 4.64
C LYS A 416 -12.50 21.73 6.03
N SER A 426 -4.13 20.71 9.10
CA SER A 426 -2.77 21.26 9.09
C SER A 426 -1.83 20.46 9.97
N SER A 427 -2.35 19.47 10.70
CA SER A 427 -1.49 18.44 11.27
C SER A 427 -1.10 17.54 10.10
N LEU A 428 0.13 17.06 10.11
CA LEU A 428 0.57 16.23 9.00
C LEU A 428 0.55 14.76 9.41
N ASP A 429 -0.47 14.37 10.16
CA ASP A 429 -0.51 13.02 10.72
C ASP A 429 -1.94 12.56 10.96
N SER A 430 -2.12 11.54 11.80
CA SER A 430 -3.47 10.99 12.03
C SER A 430 -4.40 11.97 12.74
N LEU A 431 -3.87 13.09 13.23
CA LEU A 431 -4.72 14.11 13.84
C LEU A 431 -5.49 14.91 12.80
N ASN A 432 -5.04 14.84 11.55
CA ASN A 432 -5.69 15.58 10.47
C ASN A 432 -7.02 14.94 10.12
N GLU A 433 -8.11 15.69 10.31
CA GLU A 433 -9.43 15.08 10.22
C GLU A 433 -9.93 14.94 8.78
N SER A 434 -9.10 15.30 7.81
CA SER A 434 -9.45 15.03 6.42
C SER A 434 -9.08 13.60 6.03
N VAL A 435 -8.49 12.85 6.96
CA VAL A 435 -8.35 11.41 6.75
C VAL A 435 -9.12 10.70 7.84
N GLU A 436 -9.80 9.62 7.48
CA GLU A 436 -10.52 8.82 8.46
C GLU A 436 -9.86 7.46 8.62
N LEU A 437 -9.54 7.11 9.87
CA LEU A 437 -8.90 5.82 10.15
C LEU A 437 -9.96 4.78 10.47
N LEU A 438 -10.41 4.05 9.45
CA LEU A 438 -11.51 3.11 9.56
C LEU A 438 -11.19 1.83 10.35
N GLY A 439 -9.91 1.56 10.56
CA GLY A 439 -9.51 0.42 11.36
C GLY A 439 -8.14 -0.10 11.01
N ASN A 440 -7.42 -0.62 12.01
CA ASN A 440 -6.08 -1.21 11.83
C ASN A 440 -5.92 -2.51 12.60
N LEU A 441 -5.15 -3.43 12.06
CA LEU A 441 -4.65 -4.57 12.83
C LEU A 441 -3.44 -4.15 13.67
N GLY A 442 -2.98 -5.08 14.52
CA GLY A 442 -1.84 -4.82 15.37
C GLY A 442 -0.53 -4.91 14.59
N LYS A 443 0.56 -4.52 15.23
CA LYS A 443 1.86 -4.50 14.59
C LYS A 443 2.51 -5.88 14.50
N GLY A 444 2.03 -6.84 15.29
CA GLY A 444 2.76 -8.09 15.45
C GLY A 444 2.01 -9.40 15.30
N LEU A 445 0.73 -9.37 14.97
CA LEU A 445 -0.02 -10.61 14.84
C LEU A 445 -0.54 -10.82 13.42
N GLU A 446 -0.52 -12.07 12.96
CA GLU A 446 -1.22 -12.40 11.72
C GLU A 446 -2.70 -12.20 11.97
N GLY A 447 -3.46 -11.95 10.92
CA GLY A 447 -4.90 -11.74 11.09
C GLY A 447 -5.59 -11.15 9.88
N ALA A 448 -6.76 -10.58 10.11
CA ALA A 448 -7.57 -10.07 9.01
C ALA A 448 -8.47 -8.97 9.51
N ILE A 449 -8.65 -7.95 8.69
CA ILE A 449 -9.57 -6.88 9.02
C ILE A 449 -10.55 -6.68 7.87
N LEU A 450 -11.83 -6.60 8.22
CA LEU A 450 -12.88 -6.37 7.25
C LEU A 450 -13.65 -5.10 7.63
N ARG A 451 -13.78 -4.18 6.68
CA ARG A 451 -14.52 -2.95 6.88
C ARG A 451 -15.42 -2.68 5.69
N GLU A 452 -16.66 -2.29 5.96
CA GLU A 452 -17.49 -1.73 4.91
C GLU A 452 -17.07 -0.27 4.76
N VAL A 453 -16.68 0.12 3.56
CA VAL A 453 -16.25 1.49 3.34
C VAL A 453 -17.23 2.20 2.42
N GLN A 454 -17.71 3.35 2.88
CA GLN A 454 -18.64 4.15 2.10
C GLN A 454 -18.05 5.50 1.71
N PHE A 455 -18.18 5.84 0.44
CA PHE A 455 -17.59 7.04 -0.13
C PHE A 455 -18.34 7.36 -1.41
N GLU A 456 -18.03 8.51 -2.01
CA GLU A 456 -18.67 8.88 -3.27
C GLU A 456 -17.66 9.10 -4.40
N VAL A 457 -18.13 8.86 -5.60
CA VAL A 457 -17.41 9.22 -6.82
C VAL A 457 -18.33 10.05 -7.72
N PHE A 458 -17.76 10.64 -8.75
CA PHE A 458 -18.54 11.45 -9.67
C PHE A 458 -18.41 10.89 -11.07
N ARG A 459 -19.54 10.77 -11.75
CA ARG A 459 -19.59 10.07 -13.04
C ARG A 459 -20.32 10.87 -14.10
#